data_6OE7
#
_entry.id   6OE7
#
_cell.length_a   55.509
_cell.length_b   51.534
_cell.length_c   149.720
_cell.angle_alpha   90.000
_cell.angle_beta   92.720
_cell.angle_gamma   90.000
#
_symmetry.space_group_name_H-M   'I 1 2 1'
#
loop_
_entity.id
_entity.type
_entity.pdbx_description
1 polymer 'Embryonic stem cell-specific 5-hydroxymethylcytosine-binding protein'
2 polymer "DNA (5'-D(*GP*TP*CP*TP*GP*G)-3')"
3 polymer "DNA (5'-D(*CP*CP*AP*GP*AP*CP*GP*TP*(DRZ)P*GP*TP*T)-3')"
4 non-polymer 'UNKNOWN ATOM OR ION'
5 non-polymer 1,2-ETHANEDIOL
6 water water
#
loop_
_entity_poly.entity_id
_entity_poly.type
_entity_poly.pdbx_seq_one_letter_code
_entity_poly.pdbx_strand_id
1 'polypeptide(L)'
;CGRTSCHLPRDVLTRACAYQDRRGQQRLPEWRDPDKYCPSYNKSPQSNSPVLLSRLHFEKDADSSERIIAPMRWGLVPSW
FKESDPSKLQFNTTNCRSDTVMEKRSFKVPLGKGRRCVVLADGFYEWQRCQGTNQRQPYFIYFPQIKTEKSGSIGAADSP
ENWEKVWDNWRLLTMAGIFDCWEPPEGGDVLYSYTIITVDSCKGLSDIHHRMPAILDGEEAVSKWLDFGEVSTQEALKLI
HPTENITFHAVSSVVNNSRNNTPECLAPVAENLYFQ
;
A
2 'polydeoxyribonucleotide' (DG)(DT)(DC)(DT)(DG)(DG) C
3 'polydeoxyribonucleotide' (DC)(DC)(DA)(DG)(DA)(DC)(DG)(DT)(DRZ)(DG)(DT)(DT) B
#
loop_
_chem_comp.id
_chem_comp.type
_chem_comp.name
_chem_comp.formula
DA DNA linking 2'-DEOXYADENOSINE-5'-MONOPHOSPHATE 'C10 H14 N5 O6 P'
DC DNA linking 2'-DEOXYCYTIDINE-5'-MONOPHOSPHATE 'C9 H14 N3 O7 P'
DG DNA linking 2'-DEOXYGUANOSINE-5'-MONOPHOSPHATE 'C10 H14 N5 O7 P'
DRZ DNA linking 3',4'-DIHYDROXY-PENTANAL-5'-PHOSPHATE 'C5 H11 O7 P'
DT DNA linking THYMIDINE-5'-MONOPHOSPHATE 'C10 H15 N2 O8 P'
EDO non-polymer 1,2-ETHANEDIOL 'C2 H6 O2'
UNX non-polymer 'UNKNOWN ATOM OR ION' ?
#
# COMPACT_ATOMS: atom_id res chain seq x y z
N CYS A 1 6.32 9.04 3.04
CA CYS A 1 6.19 7.53 2.86
C CYS A 1 6.17 7.34 1.36
N GLY A 2 7.37 7.41 0.77
CA GLY A 2 7.57 7.30 -0.66
C GLY A 2 8.54 6.18 -1.01
N ARG A 3 8.65 5.17 -0.16
CA ARG A 3 9.36 3.92 -0.53
C ARG A 3 8.82 2.73 0.28
N THR A 4 8.69 1.57 -0.34
CA THR A 4 8.31 0.34 0.38
C THR A 4 9.21 -0.80 -0.04
N SER A 5 9.14 -1.90 0.71
CA SER A 5 9.62 -3.22 0.28
C SER A 5 8.42 -4.11 0.00
N CYS A 6 8.45 -4.84 -1.11
CA CYS A 6 7.48 -5.91 -1.45
C CYS A 6 8.19 -6.99 -2.30
N HIS A 7 8.97 -7.86 -1.68
CA HIS A 7 9.96 -8.73 -2.39
C HIS A 7 9.47 -10.18 -2.54
N LEU A 8 8.36 -10.57 -1.92
CA LEU A 8 8.01 -12.01 -1.80
C LEU A 8 7.70 -12.58 -3.17
N PRO A 9 8.14 -13.83 -3.46
CA PRO A 9 7.64 -14.56 -4.63
C PRO A 9 6.10 -14.54 -4.60
N ARG A 10 5.51 -14.45 -5.78
CA ARG A 10 4.06 -14.18 -5.94
C ARG A 10 3.21 -15.19 -5.15
N ASP A 11 3.52 -16.48 -5.21
CA ASP A 11 2.73 -17.53 -4.49
C ASP A 11 2.84 -17.38 -2.96
N VAL A 12 4.00 -16.97 -2.47
CA VAL A 12 4.21 -16.75 -1.00
C VAL A 12 3.40 -15.51 -0.57
N LEU A 13 3.35 -14.47 -1.41
CA LEU A 13 2.55 -13.26 -1.16
C LEU A 13 1.07 -13.63 -1.05
N THR A 14 0.61 -14.50 -1.97
CA THR A 14 -0.83 -14.85 -2.14
C THR A 14 -1.27 -15.65 -0.91
N ARG A 15 -0.43 -16.56 -0.42
CA ARG A 15 -0.76 -17.36 0.82
C ARG A 15 -0.73 -16.46 2.07
N ALA A 16 0.06 -15.40 2.11
CA ALA A 16 0.08 -14.41 3.24
C ALA A 16 -1.20 -13.55 3.23
N CYS A 17 -2.00 -13.60 2.17
CA CYS A 17 -3.25 -12.82 1.99
C CYS A 17 -4.48 -13.72 2.15
N ALA A 18 -4.32 -14.91 2.70
CA ALA A 18 -5.45 -15.80 3.09
C ALA A 18 -6.40 -14.99 3.97
N TYR A 19 -7.70 -15.06 3.71
CA TYR A 19 -8.72 -14.28 4.45
C TYR A 19 -10.00 -15.12 4.59
N GLN A 20 -10.97 -14.61 5.35
CA GLN A 20 -12.34 -15.20 5.44
C GLN A 20 -13.35 -14.24 4.83
N ASP A 21 -14.18 -14.67 3.90
CA ASP A 21 -15.29 -13.80 3.40
C ASP A 21 -16.30 -13.70 4.54
N ARG A 22 -17.41 -12.99 4.35
CA ARG A 22 -18.43 -12.72 5.39
C ARG A 22 -19.02 -14.04 5.90
N ARG A 23 -19.08 -15.09 5.06
CA ARG A 23 -19.67 -16.42 5.42
C ARG A 23 -18.66 -17.34 6.13
N GLY A 24 -17.44 -16.88 6.39
CA GLY A 24 -16.40 -17.67 7.08
C GLY A 24 -15.59 -18.61 6.18
N GLN A 25 -15.78 -18.59 4.87
CA GLN A 25 -14.98 -19.42 3.91
C GLN A 25 -13.54 -18.88 3.86
N GLN A 26 -12.58 -19.73 4.25
CA GLN A 26 -11.12 -19.51 4.05
C GLN A 26 -10.83 -19.47 2.55
N ARG A 27 -10.40 -18.32 2.03
CA ARG A 27 -10.08 -18.12 0.60
C ARG A 27 -8.69 -17.48 0.44
N LEU A 28 -8.16 -17.55 -0.78
CA LEU A 28 -6.98 -16.80 -1.26
C LEU A 28 -7.51 -15.80 -2.27
N PRO A 29 -7.03 -14.54 -2.32
CA PRO A 29 -7.51 -13.60 -3.31
C PRO A 29 -7.19 -14.08 -4.72
N GLU A 30 -8.08 -13.79 -5.68
CA GLU A 30 -7.95 -14.09 -7.12
C GLU A 30 -7.07 -12.99 -7.74
N TRP A 31 -6.13 -13.37 -8.60
CA TRP A 31 -5.23 -12.42 -9.31
C TRP A 31 -5.98 -11.80 -10.49
N ARG A 32 -5.65 -10.54 -10.77
CA ARG A 32 -5.71 -9.90 -12.10
C ARG A 32 -4.29 -9.40 -12.40
N ASP A 33 -3.91 -9.39 -13.68
CA ASP A 33 -2.60 -8.93 -14.23
C ASP A 33 -1.43 -9.42 -13.37
N PRO A 34 -1.33 -10.71 -13.05
CA PRO A 34 -0.21 -11.24 -12.29
C PRO A 34 1.15 -11.01 -12.97
N ASP A 35 1.19 -10.84 -14.30
CA ASP A 35 2.46 -10.64 -15.03
C ASP A 35 3.07 -9.28 -14.70
N LYS A 36 2.28 -8.31 -14.21
CA LYS A 36 2.82 -6.98 -13.81
C LYS A 36 3.34 -7.00 -12.36
N TYR A 37 3.31 -8.15 -11.68
CA TYR A 37 3.89 -8.23 -10.30
C TYR A 37 5.39 -8.32 -10.44
N CYS A 38 6.06 -7.33 -9.88
CA CYS A 38 7.52 -7.10 -9.96
C CYS A 38 8.05 -6.99 -8.54
N PRO A 39 8.43 -8.13 -7.91
CA PRO A 39 8.93 -8.13 -6.54
C PRO A 39 10.29 -7.40 -6.43
N SER A 40 10.46 -6.61 -5.38
CA SER A 40 11.67 -5.78 -5.14
C SER A 40 11.68 -5.38 -3.66
N TYR A 41 12.88 -5.25 -3.12
CA TYR A 41 13.13 -4.73 -1.75
C TYR A 41 12.91 -3.21 -1.73
N ASN A 42 12.83 -2.58 -2.89
CA ASN A 42 12.98 -1.11 -3.03
C ASN A 42 11.99 -0.57 -4.08
N LYS A 43 10.74 -0.36 -3.69
CA LYS A 43 9.63 0.13 -4.56
C LYS A 43 9.45 1.61 -4.36
N SER A 44 9.54 2.37 -5.46
CA SER A 44 9.29 3.84 -5.52
C SER A 44 7.96 4.10 -6.21
N PRO A 45 7.42 5.31 -6.04
CA PRO A 45 6.28 5.79 -6.82
C PRO A 45 6.56 5.57 -8.31
N GLN A 46 5.52 5.29 -9.08
CA GLN A 46 5.53 5.07 -10.55
C GLN A 46 5.87 3.61 -10.86
N SER A 47 6.23 2.83 -9.86
CA SER A 47 6.33 1.35 -9.94
C SER A 47 4.94 0.74 -9.67
N ASN A 48 4.76 -0.55 -9.98
CA ASN A 48 3.55 -1.35 -9.66
C ASN A 48 3.75 -2.09 -8.32
N SER A 49 2.74 -2.11 -7.47
CA SER A 49 2.69 -2.91 -6.21
C SER A 49 1.36 -3.66 -6.19
N PRO A 50 1.30 -4.84 -5.57
CA PRO A 50 0.05 -5.55 -5.47
C PRO A 50 -0.86 -4.82 -4.46
N VAL A 51 -2.13 -4.70 -4.79
CA VAL A 51 -3.16 -4.18 -3.85
C VAL A 51 -4.33 -5.15 -3.82
N LEU A 52 -4.97 -5.23 -2.66
CA LEU A 52 -6.29 -5.87 -2.50
C LEU A 52 -7.42 -4.88 -2.85
N LEU A 53 -8.43 -5.38 -3.54
CA LEU A 53 -9.68 -4.61 -3.75
C LEU A 53 -10.84 -5.59 -3.83
N SER A 54 -12.07 -5.09 -3.66
CA SER A 54 -13.30 -5.91 -3.60
C SER A 54 -13.53 -6.56 -4.97
N ARG A 55 -13.97 -7.81 -4.95
CA ARG A 55 -14.37 -8.52 -6.19
C ARG A 55 -15.42 -7.70 -6.93
N LEU A 56 -16.28 -6.99 -6.19
CA LEU A 56 -17.42 -6.22 -6.78
C LEU A 56 -16.91 -5.13 -7.73
N HIS A 57 -15.68 -4.65 -7.63
CA HIS A 57 -15.13 -3.69 -8.63
C HIS A 57 -14.97 -4.37 -10.00
N PHE A 58 -14.89 -5.70 -10.06
CA PHE A 58 -14.57 -6.41 -11.33
C PHE A 58 -15.74 -7.26 -11.82
N GLU A 59 -16.59 -7.78 -10.93
CA GLU A 59 -17.65 -8.76 -11.29
C GLU A 59 -19.00 -8.26 -10.78
N LYS A 60 -19.99 -8.19 -11.67
CA LYS A 60 -21.39 -7.77 -11.34
C LYS A 60 -21.97 -8.78 -10.36
N ASP A 61 -22.66 -8.31 -9.31
CA ASP A 61 -23.48 -9.14 -8.40
C ASP A 61 -22.59 -9.99 -7.48
N ALA A 62 -21.30 -9.65 -7.36
CA ALA A 62 -20.31 -10.42 -6.56
C ALA A 62 -20.54 -10.17 -5.07
N ASP A 63 -20.09 -11.09 -4.22
CA ASP A 63 -19.93 -10.86 -2.77
C ASP A 63 -18.82 -9.81 -2.58
N SER A 64 -19.18 -8.63 -2.11
CA SER A 64 -18.28 -7.47 -1.97
C SER A 64 -17.19 -7.77 -0.93
N SER A 65 -17.38 -8.79 -0.08
CA SER A 65 -16.38 -9.24 0.92
C SER A 65 -15.35 -10.20 0.30
N GLU A 66 -15.54 -10.64 -0.94
CA GLU A 66 -14.49 -11.41 -1.66
C GLU A 66 -13.45 -10.41 -2.15
N ARG A 67 -12.22 -10.89 -2.31
CA ARG A 67 -11.04 -10.04 -2.58
C ARG A 67 -10.37 -10.45 -3.89
N ILE A 68 -9.97 -9.43 -4.66
CA ILE A 68 -9.05 -9.51 -5.82
C ILE A 68 -7.70 -8.96 -5.36
N ILE A 69 -6.62 -9.54 -5.88
CA ILE A 69 -5.24 -8.96 -5.76
C ILE A 69 -4.78 -8.60 -7.16
N ALA A 70 -4.24 -7.39 -7.34
CA ALA A 70 -3.82 -6.84 -8.64
C ALA A 70 -2.65 -5.87 -8.45
N PRO A 71 -1.67 -5.86 -9.37
CA PRO A 71 -0.73 -4.74 -9.49
C PRO A 71 -1.41 -3.42 -9.87
N MET A 72 -1.04 -2.33 -9.19
CA MET A 72 -1.48 -0.99 -9.62
C MET A 72 -0.29 -0.03 -9.55
N ARG A 73 -0.34 1.05 -10.33
CA ARG A 73 0.71 2.08 -10.44
C ARG A 73 0.69 2.91 -9.15
N TRP A 74 1.83 3.07 -8.48
CA TRP A 74 1.89 3.93 -7.28
C TRP A 74 1.97 5.40 -7.74
N GLY A 75 0.92 6.16 -7.51
CA GLY A 75 0.82 7.57 -7.93
C GLY A 75 -0.47 7.75 -8.72
N LEU A 76 -1.53 8.14 -8.04
CA LEU A 76 -2.89 8.13 -8.62
C LEU A 76 -2.95 9.08 -9.82
N VAL A 77 -3.40 8.55 -10.95
CA VAL A 77 -3.69 9.31 -12.19
C VAL A 77 -5.21 9.46 -12.24
N PRO A 78 -5.77 10.66 -11.95
CA PRO A 78 -7.22 10.87 -12.00
C PRO A 78 -7.82 10.49 -13.37
N SER A 79 -9.09 10.09 -13.38
CA SER A 79 -9.86 9.68 -14.60
C SER A 79 -9.82 10.79 -15.65
N TRP A 80 -9.80 12.06 -15.24
CA TRP A 80 -10.00 13.23 -16.13
C TRP A 80 -8.69 13.69 -16.80
N PHE A 81 -7.53 13.21 -16.37
CA PHE A 81 -6.21 13.66 -16.89
C PHE A 81 -6.20 13.57 -18.43
N LYS A 82 -5.60 14.56 -19.11
CA LYS A 82 -5.81 14.80 -20.56
C LYS A 82 -4.56 14.52 -21.40
N GLU A 83 -3.34 14.58 -20.82
CA GLU A 83 -2.06 14.36 -21.55
C GLU A 83 -1.95 12.88 -21.93
N SER A 84 -1.02 12.54 -22.83
CA SER A 84 -0.86 11.17 -23.37
C SER A 84 -0.22 10.23 -22.34
N ASP A 85 0.69 10.74 -21.49
CA ASP A 85 1.59 9.95 -20.61
C ASP A 85 1.33 10.27 -19.14
N PRO A 86 1.04 9.27 -18.27
CA PRO A 86 0.84 9.49 -16.84
C PRO A 86 1.87 10.36 -16.12
N SER A 87 3.12 10.29 -16.57
CA SER A 87 4.32 10.89 -15.93
C SER A 87 4.34 12.42 -16.12
N LYS A 88 3.41 12.98 -16.89
CA LYS A 88 3.32 14.44 -17.15
C LYS A 88 2.40 15.11 -16.12
N LEU A 89 2.01 14.40 -15.06
CA LEU A 89 1.14 14.89 -13.97
C LEU A 89 1.90 15.92 -13.11
N GLN A 90 1.36 17.14 -12.97
CA GLN A 90 2.06 18.30 -12.35
C GLN A 90 1.73 18.40 -10.85
N PHE A 91 1.12 17.39 -10.27
CA PHE A 91 0.86 17.37 -8.81
C PHE A 91 1.15 15.97 -8.26
N ASN A 92 1.43 15.92 -6.96
CA ASN A 92 1.85 14.73 -6.20
C ASN A 92 0.63 13.95 -5.74
N THR A 93 0.43 12.73 -6.26
CA THR A 93 -0.62 11.81 -5.77
C THR A 93 0.00 10.52 -5.19
N THR A 94 1.27 10.56 -4.82
CA THR A 94 1.91 9.46 -4.04
C THR A 94 1.09 9.22 -2.76
N ASN A 95 0.74 10.28 -2.05
CA ASN A 95 -0.02 10.20 -0.78
C ASN A 95 -1.26 11.07 -0.84
N CYS A 96 -2.10 10.93 0.20
CA CYS A 96 -3.40 11.60 0.34
C CYS A 96 -3.66 11.80 1.84
N ARG A 97 -3.57 13.03 2.34
CA ARG A 97 -3.83 13.37 3.76
C ARG A 97 -5.26 12.94 4.11
N SER A 98 -5.48 12.28 5.25
CA SER A 98 -6.82 11.80 5.69
C SER A 98 -7.71 12.99 6.09
N ASP A 99 -7.14 14.01 6.75
CA ASP A 99 -7.91 15.18 7.25
C ASP A 99 -8.64 15.86 6.07
N THR A 100 -7.99 16.03 4.92
CA THR A 100 -8.52 16.88 3.81
C THR A 100 -9.22 16.06 2.73
N VAL A 101 -9.23 14.72 2.81
CA VAL A 101 -9.54 13.82 1.65
C VAL A 101 -10.90 14.15 1.01
N MET A 102 -11.90 14.62 1.77
CA MET A 102 -13.28 14.89 1.25
C MET A 102 -13.30 16.17 0.39
N GLU A 103 -12.28 17.03 0.48
CA GLU A 103 -12.25 18.39 -0.15
C GLU A 103 -11.30 18.40 -1.36
N LYS A 104 -10.61 17.29 -1.62
CA LYS A 104 -9.58 17.19 -2.68
C LYS A 104 -10.19 16.58 -3.94
N ARG A 105 -10.14 17.31 -5.04
CA ARG A 105 -10.74 16.92 -6.34
C ARG A 105 -10.24 15.53 -6.78
N SER A 106 -8.95 15.24 -6.58
CA SER A 106 -8.26 14.03 -7.09
C SER A 106 -8.75 12.77 -6.38
N PHE A 107 -9.15 12.88 -5.11
CA PHE A 107 -9.41 11.75 -4.20
C PHE A 107 -10.90 11.57 -3.89
N LYS A 108 -11.65 12.68 -3.78
CA LYS A 108 -13.09 12.69 -3.42
C LYS A 108 -13.88 11.84 -4.43
N VAL A 109 -13.75 12.11 -5.72
CA VAL A 109 -14.54 11.40 -6.77
C VAL A 109 -14.29 9.89 -6.63
N PRO A 110 -13.04 9.38 -6.77
CA PRO A 110 -12.78 7.94 -6.65
C PRO A 110 -13.17 7.31 -5.31
N LEU A 111 -12.91 7.97 -4.17
CA LEU A 111 -13.38 7.47 -2.85
C LEU A 111 -14.90 7.34 -2.84
N GLY A 112 -15.60 8.27 -3.51
CA GLY A 112 -17.07 8.32 -3.62
C GLY A 112 -17.62 7.19 -4.49
N LYS A 113 -16.80 6.60 -5.37
CA LYS A 113 -17.18 5.41 -6.19
C LYS A 113 -16.81 4.09 -5.46
N GLY A 114 -16.39 4.15 -4.20
CA GLY A 114 -15.94 3.00 -3.39
C GLY A 114 -14.56 2.47 -3.78
N ARG A 115 -13.71 3.26 -4.44
CA ARG A 115 -12.40 2.79 -4.93
C ARG A 115 -11.38 2.81 -3.79
N ARG A 116 -11.65 1.99 -2.79
CA ARG A 116 -10.82 1.78 -1.59
C ARG A 116 -9.99 0.50 -1.80
N CYS A 117 -8.66 0.58 -1.67
CA CYS A 117 -7.80 -0.60 -1.80
C CYS A 117 -6.86 -0.68 -0.61
N VAL A 118 -6.20 -1.82 -0.46
CA VAL A 118 -5.23 -2.12 0.62
C VAL A 118 -3.89 -2.40 -0.06
N VAL A 119 -2.94 -1.53 0.19
CA VAL A 119 -1.58 -1.64 -0.37
C VAL A 119 -0.81 -2.62 0.50
N LEU A 120 -0.24 -3.63 -0.12
CA LEU A 120 0.59 -4.64 0.57
C LEU A 120 2.05 -4.19 0.52
N ALA A 121 2.81 -4.62 1.51
CA ALA A 121 4.24 -4.35 1.64
C ALA A 121 4.79 -5.25 2.76
N ASP A 122 6.06 -5.61 2.64
CA ASP A 122 6.87 -6.17 3.73
C ASP A 122 6.78 -5.15 4.86
N GLY A 123 6.92 -3.88 4.48
CA GLY A 123 7.10 -2.74 5.39
C GLY A 123 7.45 -1.54 4.57
N PHE A 124 7.69 -0.39 5.18
CA PHE A 124 7.96 0.83 4.41
C PHE A 124 9.20 1.47 4.99
N TYR A 125 9.78 2.38 4.22
CA TYR A 125 10.97 3.14 4.64
C TYR A 125 10.60 4.60 4.90
N GLU A 126 11.25 5.20 5.89
CA GLU A 126 11.13 6.63 6.23
C GLU A 126 12.55 7.14 6.49
N TRP A 127 12.83 8.37 6.08
CA TRP A 127 14.15 9.02 6.28
C TRP A 127 14.02 10.07 7.37
N GLN A 128 14.81 9.95 8.44
CA GLN A 128 14.74 10.84 9.63
C GLN A 128 15.57 12.11 9.36
N ARG A 129 14.95 13.27 9.51
CA ARG A 129 15.63 14.60 9.54
C ARG A 129 16.08 14.84 10.98
N CYS A 130 17.35 15.23 11.14
CA CYS A 130 18.00 15.53 12.44
C CYS A 130 18.44 17.00 12.40
N GLN A 131 18.30 17.74 13.50
CA GLN A 131 18.64 19.19 13.53
C GLN A 131 20.11 19.39 13.07
N GLY A 132 20.32 20.42 12.24
CA GLY A 132 21.64 20.94 11.84
C GLY A 132 22.54 19.94 11.14
N THR A 133 21.97 18.92 10.47
CA THR A 133 22.64 18.08 9.44
C THR A 133 21.70 17.81 8.26
N ASN A 134 22.24 17.82 7.05
CA ASN A 134 21.57 17.40 5.79
C ASN A 134 21.57 15.87 5.69
N GLN A 135 22.34 15.17 6.53
CA GLN A 135 22.37 13.69 6.54
C GLN A 135 21.00 13.19 7.02
N ARG A 136 20.50 12.11 6.42
CA ARG A 136 19.19 11.54 6.81
C ARG A 136 19.38 10.05 7.04
N GLN A 137 18.88 9.57 8.17
CA GLN A 137 18.92 8.15 8.56
C GLN A 137 17.67 7.43 8.05
N PRO A 138 17.82 6.49 7.12
CA PRO A 138 16.71 5.58 6.77
C PRO A 138 16.35 4.53 7.82
N TYR A 139 15.05 4.35 8.04
CA TYR A 139 14.47 3.26 8.85
C TYR A 139 13.55 2.41 7.96
N PHE A 140 13.45 1.13 8.32
CA PHE A 140 12.46 0.14 7.83
C PHE A 140 11.45 -0.09 8.94
N ILE A 141 10.18 0.03 8.61
CA ILE A 141 9.05 0.06 9.57
C ILE A 141 8.05 -1.00 9.13
N TYR A 142 7.57 -1.80 10.08
CA TYR A 142 6.81 -3.05 9.81
C TYR A 142 6.02 -3.44 11.05
N PHE A 143 5.02 -4.30 10.88
CA PHE A 143 4.23 -4.91 11.97
C PHE A 143 5.18 -5.74 12.82
N PRO A 144 4.98 -5.77 14.15
CA PRO A 144 5.67 -6.73 15.01
C PRO A 144 5.50 -8.15 14.43
N GLN A 145 6.58 -8.94 14.46
CA GLN A 145 6.61 -10.30 13.86
C GLN A 145 6.79 -11.35 14.99
N ILE A 146 6.31 -12.56 14.76
CA ILE A 146 6.44 -13.72 15.70
C ILE A 146 7.94 -13.98 15.93
N LYS A 147 8.44 -13.79 17.16
CA LYS A 147 9.88 -14.00 17.52
C LYS A 147 10.09 -15.45 17.98
N SER A 159 21.69 -17.40 8.08
CA SER A 159 21.22 -18.80 7.92
C SER A 159 20.14 -18.87 6.84
N PRO A 160 20.23 -19.79 5.84
CA PRO A 160 19.17 -19.93 4.83
C PRO A 160 17.88 -20.57 5.37
N GLU A 161 17.97 -21.27 6.51
CA GLU A 161 16.81 -21.92 7.20
C GLU A 161 16.11 -20.91 8.11
N ASN A 162 16.85 -19.98 8.72
CA ASN A 162 16.30 -18.87 9.56
C ASN A 162 15.51 -17.90 8.66
N TRP A 163 16.13 -17.39 7.58
CA TRP A 163 15.54 -16.42 6.61
C TRP A 163 14.23 -16.99 6.05
N GLU A 164 14.27 -18.16 5.38
CA GLU A 164 13.12 -18.78 4.68
C GLU A 164 11.94 -18.95 5.65
N LYS A 165 12.20 -19.31 6.91
CA LYS A 165 11.18 -19.53 7.98
C LYS A 165 10.48 -18.20 8.28
N VAL A 166 11.26 -17.14 8.50
CA VAL A 166 10.78 -15.77 8.84
C VAL A 166 9.84 -15.28 7.73
N TRP A 167 10.23 -15.37 6.46
CA TRP A 167 9.49 -14.75 5.34
C TRP A 167 8.23 -15.57 5.02
N ASP A 168 8.24 -16.88 5.31
CA ASP A 168 7.03 -17.74 5.23
C ASP A 168 6.00 -17.24 6.23
N ASN A 169 6.42 -16.85 7.44
CA ASN A 169 5.53 -16.46 8.58
C ASN A 169 5.47 -14.94 8.76
N TRP A 170 5.75 -14.16 7.71
CA TRP A 170 5.79 -12.67 7.74
C TRP A 170 4.37 -12.12 7.68
N ARG A 171 4.07 -11.18 8.57
CA ARG A 171 2.81 -10.41 8.53
C ARG A 171 3.01 -9.18 7.65
N LEU A 172 2.32 -9.17 6.51
CA LEU A 172 2.39 -8.07 5.51
C LEU A 172 1.81 -6.79 6.12
N LEU A 173 2.45 -5.67 5.86
CA LEU A 173 1.87 -4.36 6.21
C LEU A 173 0.71 -4.10 5.25
N THR A 174 -0.44 -3.67 5.79
CA THR A 174 -1.72 -3.44 5.07
C THR A 174 -2.10 -1.96 5.22
N MET A 175 -1.99 -1.19 4.15
CA MET A 175 -2.11 0.30 4.18
C MET A 175 -3.36 0.73 3.40
N ALA A 176 -4.12 1.68 3.94
CA ALA A 176 -5.36 2.18 3.31
C ALA A 176 -4.98 3.00 2.09
N GLY A 177 -5.55 2.65 0.96
CA GLY A 177 -5.29 3.37 -0.29
C GLY A 177 -6.60 3.67 -0.96
N ILE A 178 -6.53 4.57 -1.92
CA ILE A 178 -7.62 4.93 -2.86
C ILE A 178 -7.01 4.76 -4.26
N PHE A 179 -7.81 4.31 -5.21
CA PHE A 179 -7.36 4.03 -6.58
C PHE A 179 -8.33 4.67 -7.56
N ASP A 180 -7.88 4.97 -8.76
CA ASP A 180 -8.71 5.48 -9.88
C ASP A 180 -8.34 4.74 -11.17
N CYS A 181 -9.23 4.81 -12.17
CA CYS A 181 -9.04 4.19 -13.50
C CYS A 181 -8.93 5.30 -14.54
N TRP A 182 -8.03 5.13 -15.51
CA TRP A 182 -7.67 6.14 -16.53
C TRP A 182 -7.48 5.47 -17.89
N GLU A 183 -8.36 5.78 -18.85
CA GLU A 183 -8.23 5.34 -20.27
C GLU A 183 -7.22 6.26 -20.94
N PRO A 184 -6.01 5.80 -21.34
CA PRO A 184 -5.08 6.67 -22.07
C PRO A 184 -5.81 7.26 -23.28
N PRO A 185 -5.68 8.57 -23.61
CA PRO A 185 -6.41 9.14 -24.75
C PRO A 185 -5.96 8.46 -26.06
N GLU A 186 -4.64 8.38 -26.26
CA GLU A 186 -3.97 7.76 -27.44
C GLU A 186 -4.38 6.29 -27.60
N GLY A 187 -4.69 5.61 -26.49
CA GLY A 187 -5.12 4.19 -26.48
C GLY A 187 -4.21 3.33 -25.63
N GLY A 188 -4.71 2.16 -25.22
CA GLY A 188 -4.02 1.18 -24.36
C GLY A 188 -4.96 0.57 -23.34
N ASP A 189 -4.44 -0.29 -22.46
CA ASP A 189 -5.19 -0.87 -21.30
C ASP A 189 -5.51 0.27 -20.32
N VAL A 190 -6.66 0.20 -19.67
CA VAL A 190 -7.04 1.10 -18.53
C VAL A 190 -5.89 1.05 -17.52
N LEU A 191 -5.42 2.21 -17.06
CA LEU A 191 -4.40 2.32 -16.00
C LEU A 191 -5.10 2.33 -14.65
N TYR A 192 -4.73 1.42 -13.76
CA TYR A 192 -5.20 1.42 -12.36
C TYR A 192 -4.05 1.97 -11.54
N SER A 193 -4.29 3.01 -10.74
CA SER A 193 -3.24 3.69 -9.93
C SER A 193 -3.79 3.95 -8.53
N TYR A 194 -2.92 4.04 -7.54
CA TYR A 194 -3.33 4.19 -6.13
C TYR A 194 -2.50 5.28 -5.45
N THR A 195 -3.08 5.87 -4.43
CA THR A 195 -2.39 6.76 -3.49
C THR A 195 -2.44 6.01 -2.15
N ILE A 196 -1.46 6.22 -1.29
CA ILE A 196 -1.49 5.80 0.14
C ILE A 196 -1.89 6.98 1.04
N ILE A 197 -2.94 6.77 1.83
CA ILE A 197 -3.50 7.76 2.78
C ILE A 197 -2.49 7.97 3.91
N THR A 198 -2.25 9.22 4.29
CA THR A 198 -1.36 9.58 5.42
C THR A 198 -2.19 10.09 6.61
N VAL A 199 -1.60 9.90 7.78
CA VAL A 199 -2.11 10.38 9.10
C VAL A 199 -0.89 10.89 9.88
N ASP A 200 -1.13 11.47 11.05
CA ASP A 200 -0.07 11.94 11.98
C ASP A 200 0.65 10.71 12.48
N SER A 201 1.96 10.77 12.64
CA SER A 201 2.72 9.64 13.21
C SER A 201 2.31 9.46 14.67
N CYS A 202 2.34 8.23 15.15
CA CYS A 202 2.15 7.83 16.56
C CYS A 202 3.35 8.30 17.38
N LYS A 203 3.29 8.21 18.72
CA LYS A 203 4.44 8.54 19.62
C LYS A 203 5.63 7.68 19.20
N GLY A 204 5.43 6.37 19.05
CA GLY A 204 6.48 5.42 18.61
C GLY A 204 7.32 5.94 17.45
N LEU A 205 6.72 6.63 16.46
CA LEU A 205 7.39 7.05 15.19
C LEU A 205 7.66 8.56 15.14
N SER A 206 7.20 9.34 16.12
CA SER A 206 7.21 10.83 16.07
C SER A 206 8.64 11.37 15.90
N ASP A 207 9.64 10.69 16.45
CA ASP A 207 11.05 11.14 16.35
C ASP A 207 11.64 10.72 15.00
N ILE A 208 10.91 9.99 14.16
CA ILE A 208 11.40 9.63 12.80
C ILE A 208 10.80 10.59 11.78
N HIS A 209 9.50 10.84 11.84
CA HIS A 209 8.77 11.65 10.83
C HIS A 209 7.40 11.99 11.39
N HIS A 210 6.89 13.18 11.15
CA HIS A 210 5.59 13.65 11.72
C HIS A 210 4.41 12.96 11.02
N ARG A 211 4.62 12.30 9.87
CA ARG A 211 3.54 11.68 9.05
C ARG A 211 3.82 10.18 8.83
N MET A 212 2.78 9.35 8.81
CA MET A 212 2.86 7.89 8.58
C MET A 212 1.73 7.44 7.68
N PRO A 213 1.85 6.30 6.98
CA PRO A 213 0.71 5.73 6.26
C PRO A 213 -0.42 5.32 7.22
N ALA A 214 -1.64 5.45 6.72
CA ALA A 214 -2.85 4.88 7.35
C ALA A 214 -2.75 3.35 7.32
N ILE A 215 -2.42 2.74 8.45
CA ILE A 215 -2.27 1.26 8.56
C ILE A 215 -3.58 0.67 9.08
N LEU A 216 -4.12 -0.32 8.37
CA LEU A 216 -5.29 -1.09 8.79
C LEU A 216 -4.76 -2.31 9.53
N ASP A 217 -5.05 -2.40 10.83
CA ASP A 217 -4.45 -3.41 11.72
C ASP A 217 -5.51 -4.48 11.99
N GLY A 218 -5.41 -5.61 11.28
CA GLY A 218 -6.24 -6.79 11.49
C GLY A 218 -7.27 -6.90 10.41
N GLU A 219 -7.91 -8.07 10.33
CA GLU A 219 -8.78 -8.49 9.22
C GLU A 219 -10.11 -7.77 9.31
N GLU A 220 -10.58 -7.42 10.53
CA GLU A 220 -11.79 -6.57 10.70
C GLU A 220 -11.62 -5.29 9.85
N ALA A 221 -10.52 -4.57 10.08
CA ALA A 221 -10.25 -3.24 9.50
C ALA A 221 -10.05 -3.38 7.98
N VAL A 222 -9.26 -4.39 7.59
CA VAL A 222 -8.97 -4.64 6.15
C VAL A 222 -10.30 -4.87 5.44
N SER A 223 -11.13 -5.73 6.01
CA SER A 223 -12.42 -6.15 5.41
C SER A 223 -13.34 -4.94 5.25
N LYS A 224 -13.47 -4.12 6.31
CA LYS A 224 -14.39 -2.95 6.27
C LYS A 224 -13.90 -1.95 5.23
N TRP A 225 -12.58 -1.73 5.13
CA TRP A 225 -12.02 -0.77 4.14
C TRP A 225 -12.28 -1.30 2.71
N LEU A 226 -12.18 -2.61 2.48
CA LEU A 226 -12.34 -3.21 1.12
C LEU A 226 -13.82 -3.16 0.72
N ASP A 227 -14.71 -3.35 1.68
CA ASP A 227 -16.14 -3.71 1.46
C ASP A 227 -17.00 -2.47 1.18
N PHE A 228 -16.84 -1.88 0.01
CA PHE A 228 -17.60 -0.67 -0.39
C PHE A 228 -19.05 -1.08 -0.67
N GLY A 229 -19.35 -2.38 -0.59
CA GLY A 229 -20.73 -2.90 -0.65
C GLY A 229 -21.53 -2.50 0.58
N GLU A 230 -21.01 -2.81 1.77
CA GLU A 230 -21.77 -2.74 3.04
C GLU A 230 -21.29 -1.57 3.91
N VAL A 231 -20.15 -0.94 3.57
CA VAL A 231 -19.46 0.06 4.44
C VAL A 231 -19.31 1.38 3.69
N SER A 232 -20.13 2.35 4.06
CA SER A 232 -20.13 3.75 3.56
C SER A 232 -18.74 4.40 3.79
N THR A 233 -18.42 5.40 2.96
CA THR A 233 -17.26 6.31 3.10
C THR A 233 -17.12 6.84 4.53
N GLN A 234 -18.22 7.34 5.09
CA GLN A 234 -18.22 7.92 6.46
C GLN A 234 -17.76 6.83 7.43
N GLU A 235 -18.37 5.64 7.40
CA GLU A 235 -17.98 4.51 8.28
C GLU A 235 -16.51 4.14 8.02
N ALA A 236 -16.10 4.06 6.75
CA ALA A 236 -14.74 3.67 6.30
C ALA A 236 -13.68 4.64 6.84
N LEU A 237 -13.96 5.95 6.82
CA LEU A 237 -12.96 6.97 7.24
C LEU A 237 -12.64 6.85 8.73
N LYS A 238 -13.49 6.18 9.52
CA LYS A 238 -13.27 5.93 10.99
C LYS A 238 -12.15 4.92 11.24
N LEU A 239 -11.76 4.13 10.23
CA LEU A 239 -10.65 3.12 10.30
C LEU A 239 -9.29 3.80 10.07
N ILE A 240 -9.30 5.04 9.61
CA ILE A 240 -8.10 5.82 9.20
C ILE A 240 -7.60 6.57 10.42
N HIS A 241 -6.45 6.15 10.96
CA HIS A 241 -5.82 6.77 12.15
C HIS A 241 -4.44 6.16 12.37
N PRO A 242 -3.60 6.78 13.21
CA PRO A 242 -2.31 6.21 13.53
C PRO A 242 -2.50 4.86 14.26
N THR A 243 -1.41 4.12 14.37
CA THR A 243 -1.33 2.88 15.19
C THR A 243 0.05 2.90 15.85
N GLU A 244 0.10 2.39 17.08
CA GLU A 244 1.34 2.18 17.85
C GLU A 244 1.80 0.74 17.61
N ASN A 245 0.94 -0.13 17.06
CA ASN A 245 1.26 -1.56 16.81
C ASN A 245 2.20 -1.63 15.60
N ILE A 246 3.44 -1.23 15.83
CA ILE A 246 4.44 -0.87 14.78
C ILE A 246 5.83 -0.97 15.41
N THR A 247 6.80 -1.46 14.66
CA THR A 247 8.21 -1.52 15.09
C THR A 247 9.07 -1.12 13.89
N PHE A 248 10.36 -0.96 14.10
CA PHE A 248 11.29 -0.41 13.10
C PHE A 248 12.72 -0.66 13.53
N HIS A 249 13.64 -0.61 12.60
CA HIS A 249 15.10 -0.56 12.86
C HIS A 249 15.76 0.28 11.78
N ALA A 250 16.90 0.87 12.12
CA ALA A 250 17.73 1.68 11.20
C ALA A 250 18.31 0.74 10.13
N VAL A 251 18.44 1.22 8.88
CA VAL A 251 19.01 0.41 7.76
C VAL A 251 20.08 1.27 7.09
N SER A 252 20.90 0.64 6.25
CA SER A 252 22.06 1.28 5.57
C SER A 252 21.54 2.26 4.50
N SER A 253 22.45 3.01 3.91
CA SER A 253 22.19 3.99 2.83
C SER A 253 21.95 3.29 1.49
N VAL A 254 22.07 1.96 1.44
CA VAL A 254 21.93 1.17 0.18
C VAL A 254 20.51 1.37 -0.37
N VAL A 255 19.51 1.48 0.48
CA VAL A 255 18.08 1.70 0.08
C VAL A 255 17.93 3.01 -0.72
N ASN A 256 18.73 4.04 -0.40
CA ASN A 256 18.55 5.44 -0.90
C ASN A 256 18.32 5.48 -2.41
N ASN A 257 19.19 4.81 -3.17
CA ASN A 257 19.07 4.67 -4.63
C ASN A 257 18.06 3.55 -4.95
N SER A 258 16.92 3.92 -5.56
CA SER A 258 15.82 2.99 -5.90
C SER A 258 16.31 1.87 -6.83
N ARG A 259 17.37 2.09 -7.61
CA ARG A 259 17.93 1.04 -8.52
C ARG A 259 18.48 -0.14 -7.70
N ASN A 260 18.77 0.02 -6.40
CA ASN A 260 19.33 -1.07 -5.53
C ASN A 260 18.21 -1.99 -5.02
N ASN A 261 18.10 -3.17 -5.61
CA ASN A 261 17.11 -4.20 -5.23
C ASN A 261 17.88 -5.39 -4.62
N THR A 262 18.14 -5.36 -3.32
CA THR A 262 18.85 -6.43 -2.57
C THR A 262 18.39 -6.50 -1.12
N PRO A 263 18.65 -7.64 -0.43
CA PRO A 263 18.30 -7.80 0.97
C PRO A 263 18.98 -6.81 1.91
N GLU A 264 20.14 -6.27 1.52
CA GLU A 264 20.92 -5.31 2.34
C GLU A 264 20.07 -4.05 2.58
N CYS A 265 19.10 -3.80 1.70
CA CYS A 265 18.14 -2.66 1.83
C CYS A 265 17.49 -2.68 3.21
N LEU A 266 17.04 -3.85 3.69
CA LEU A 266 16.25 -3.89 4.96
C LEU A 266 17.02 -4.60 6.08
N ALA A 267 18.31 -4.89 5.88
CA ALA A 267 19.24 -5.43 6.90
C ALA A 267 19.50 -4.37 7.99
N PRO A 268 19.45 -4.75 9.29
CA PRO A 268 19.88 -3.87 10.39
C PRO A 268 21.33 -3.36 10.36
N VAL A 269 21.58 -2.28 11.09
CA VAL A 269 22.96 -1.77 11.39
C VAL A 269 23.03 -1.38 12.87
P DRZ C 9 1.39 14.81 3.80
OP1 DRZ C 9 0.71 13.65 4.45
OP2 DRZ C 9 1.06 16.21 4.23
O5' DRZ C 9 2.99 14.60 3.74
C5' DRZ C 9 3.58 13.37 3.27
C4' DRZ C 9 5.05 13.38 3.65
O4' DRZ C 9 5.18 13.52 5.06
C3' DRZ C 9 5.72 12.05 3.27
C2' DRZ C 9 4.83 10.92 3.89
C1' DRZ C 9 4.96 9.51 3.38
O3' DRZ C 9 7.12 12.09 3.66
UNK UNX D . -1.77 -19.28 -5.60
C1 EDO E . -3.13 -9.30 4.64
O1 EDO E . -1.89 -9.68 4.07
C2 EDO E . -4.19 -9.24 3.63
O2 EDO E . -4.82 -10.49 3.44
C1 EDO F . -0.66 -1.34 -14.07
O1 EDO F . -0.05 -0.72 -15.17
C2 EDO F . -1.90 -0.66 -13.64
O2 EDO F . -3.05 -1.10 -14.36
C1 EDO G . -1.05 -11.65 -17.38
O1 EDO G . -0.76 -10.48 -16.63
C2 EDO G . -2.38 -12.20 -17.04
O2 EDO G . -3.34 -11.97 -18.03
UNK UNX H . -5.77 -11.12 -15.69
C1 EDO I . 13.23 0.19 18.37
O1 EDO I . 14.44 0.12 17.63
C2 EDO I . 12.42 -1.04 18.29
O2 EDO I . 11.03 -0.79 18.44
C1 EDO J . 6.35 12.74 -8.64
O1 EDO J . 7.55 12.04 -8.98
C2 EDO J . 5.77 13.57 -9.73
O2 EDO J . 5.43 12.83 -10.89
UNK UNX K . -0.59 -20.70 -3.89
UNK UNX L . -2.29 21.37 -9.55
#